data_5WN9
#
_entry.id   5WN9
#
_cell.length_a   44.843
_cell.length_b   56.387
_cell.length_c   126.148
_cell.angle_alpha   90.000
_cell.angle_beta   90.000
_cell.angle_gamma   90.000
#
_symmetry.space_group_name_H-M   'P 21 21 21'
#
loop_
_entity.id
_entity.type
_entity.pdbx_description
1 polymer 'scFv 2D10'
2 polymer 'Major surface glycoprotein G'
3 water water
#
loop_
_entity_poly.entity_id
_entity_poly.type
_entity_poly.pdbx_seq_one_letter_code
_entity_poly.pdbx_strand_id
1 'polypeptide(L)'
;RSQVQLVQSGPEVKKPGASVRLSCKASGYVFTNYGVSWVRQAPGQGLEWMGWSSPYNGNTYYAQKLKARVTMTTDTSTNT
AYMELRSLRSDDTAVYYCGRDMLGVVQAVAGPFDSWGQGTLVTVSSASGGGGSGGGGSGGGGSGGGDTPMTQSPSSVSAS
VGDRVTISCRASQGISNSLAWYQQKLGKAPQLLIYAASSLQSGVPSRFSGSGSGTDFTLTISSLQPEDFATYYCQQTNTF
PFTFGPGTKVEVRRASLVPR
;
H
2 'polypeptide(L)' FNFVPCSICSNNPTCWAICKRIPNKKPGK A
#
# COMPACT_ATOMS: atom_id res chain seq x y z
N GLN A 3 -16.58 10.15 -8.99
CA GLN A 3 -15.43 9.22 -9.15
C GLN A 3 -14.24 9.65 -8.30
N VAL A 4 -13.64 8.68 -7.62
CA VAL A 4 -12.61 8.94 -6.63
C VAL A 4 -11.30 9.31 -7.33
N GLN A 5 -10.70 10.42 -6.91
CA GLN A 5 -9.44 10.89 -7.46
C GLN A 5 -8.52 11.36 -6.35
N LEU A 6 -7.25 10.95 -6.43
CA LEU A 6 -6.19 11.45 -5.58
C LEU A 6 -5.12 12.05 -6.48
N VAL A 7 -4.83 13.34 -6.31
CA VAL A 7 -3.83 14.03 -7.13
C VAL A 7 -2.66 14.47 -6.25
N GLN A 8 -1.47 13.96 -6.56
CA GLN A 8 -0.28 14.26 -5.80
C GLN A 8 0.53 15.37 -6.43
N SER A 9 1.37 15.99 -5.61
CA SER A 9 2.19 17.10 -6.02
C SER A 9 3.33 16.63 -6.92
N GLY A 10 4.02 17.59 -7.51
CA GLY A 10 5.01 17.31 -8.55
C GLY A 10 6.33 16.81 -8.01
N PRO A 11 7.20 16.39 -8.93
CA PRO A 11 8.42 15.71 -8.50
C PRO A 11 9.38 16.65 -7.80
N GLU A 12 10.18 16.06 -6.92
CA GLU A 12 11.14 16.80 -6.10
C GLU A 12 12.54 16.26 -6.30
N VAL A 13 13.52 17.16 -6.27
CA VAL A 13 14.93 16.79 -6.30
C VAL A 13 15.59 17.48 -5.12
N LYS A 14 16.24 16.69 -4.26
CA LYS A 14 16.75 17.18 -3.00
C LYS A 14 18.13 16.59 -2.76
N LYS A 15 18.97 17.35 -2.04
CA LYS A 15 20.23 16.80 -1.57
C LYS A 15 20.02 16.07 -0.25
N PRO A 16 20.87 15.10 0.07
CA PRO A 16 20.78 14.47 1.39
C PRO A 16 20.78 15.49 2.53
N GLY A 17 20.09 15.14 3.61
CA GLY A 17 19.96 16.00 4.76
C GLY A 17 18.76 16.93 4.72
N ALA A 18 18.18 17.13 3.53
CA ALA A 18 17.08 18.06 3.34
C ALA A 18 15.78 17.39 3.79
N SER A 19 14.69 18.13 3.70
CA SER A 19 13.37 17.58 3.92
C SER A 19 12.51 17.82 2.69
N VAL A 20 11.46 17.03 2.53
CA VAL A 20 10.47 17.21 1.48
C VAL A 20 9.08 17.12 2.09
N ARG A 21 8.15 17.94 1.59
CA ARG A 21 6.75 17.89 2.00
C ARG A 21 5.91 17.62 0.76
N LEU A 22 5.24 16.47 0.74
CA LEU A 22 4.38 16.07 -0.36
C LEU A 22 2.92 16.29 -0.02
N SER A 23 2.11 16.57 -1.05
CA SER A 23 0.68 16.73 -0.85
C SER A 23 -0.10 15.79 -1.76
N CYS A 24 -1.35 15.55 -1.34
CA CYS A 24 -2.25 14.61 -1.99
C CYS A 24 -3.66 15.17 -1.84
N LYS A 25 -4.27 15.65 -2.93
CA LYS A 25 -5.59 16.25 -2.91
C LYS A 25 -6.67 15.24 -3.30
N ALA A 26 -7.66 15.07 -2.44
CA ALA A 26 -8.71 14.08 -2.62
C ALA A 26 -9.97 14.72 -3.16
N SER A 27 -10.63 14.02 -4.09
CA SER A 27 -11.91 14.48 -4.58
C SER A 27 -12.80 13.31 -4.93
N GLY A 28 -14.10 13.58 -5.02
CA GLY A 28 -15.06 12.59 -5.43
C GLY A 28 -15.61 11.70 -4.34
N TYR A 29 -15.30 11.98 -3.08
CA TYR A 29 -15.78 11.17 -1.96
C TYR A 29 -15.72 11.99 -0.67
N VAL A 30 -16.35 11.45 0.37
CA VAL A 30 -16.37 12.07 1.70
C VAL A 30 -15.01 11.82 2.33
N PHE A 31 -14.18 12.85 2.35
CA PHE A 31 -12.77 12.73 2.75
C PHE A 31 -12.61 12.12 4.13
N THR A 32 -13.47 12.49 5.07
CA THR A 32 -13.30 12.09 6.46
C THR A 32 -13.80 10.68 6.75
N ASN A 33 -14.37 9.98 5.79
CA ASN A 33 -14.82 8.62 6.03
C ASN A 33 -13.79 7.54 5.72
N TYR A 34 -12.64 7.94 5.19
CA TYR A 34 -11.62 6.97 4.77
C TYR A 34 -10.24 7.41 5.26
N GLY A 35 -9.41 6.44 5.60
CA GLY A 35 -8.02 6.75 5.89
C GLY A 35 -7.28 7.25 4.65
N VAL A 36 -6.19 7.98 4.89
CA VAL A 36 -5.22 8.32 3.84
C VAL A 36 -3.86 7.85 4.31
N SER A 37 -3.21 7.04 3.52
CA SER A 37 -1.94 6.43 3.85
C SER A 37 -0.89 6.60 2.77
N TRP A 38 0.36 6.27 3.08
CA TRP A 38 1.46 6.52 2.17
C TRP A 38 2.32 5.27 2.02
N VAL A 39 2.69 4.97 0.77
CA VAL A 39 3.51 3.83 0.40
C VAL A 39 4.55 4.34 -0.57
N ARG A 40 5.78 3.83 -0.50
CA ARG A 40 6.80 4.26 -1.45
C ARG A 40 7.41 3.07 -2.17
N GLN A 41 8.04 3.34 -3.31
CA GLN A 41 8.64 2.32 -4.15
C GLN A 41 9.93 2.84 -4.75
N ALA A 42 11.08 2.31 -4.31
CA ALA A 42 12.33 2.70 -4.91
C ALA A 42 12.43 2.15 -6.33
N PRO A 43 13.23 2.77 -7.19
CA PRO A 43 13.24 2.38 -8.60
C PRO A 43 13.63 0.91 -8.77
N GLY A 44 12.75 0.15 -9.44
CA GLY A 44 12.97 -1.26 -9.66
C GLY A 44 12.74 -2.16 -8.46
N GLN A 45 12.23 -1.63 -7.36
CA GLN A 45 12.05 -2.38 -6.13
CA GLN A 45 12.05 -2.38 -6.13
C GLN A 45 10.56 -2.52 -5.83
N GLY A 46 10.25 -3.10 -4.66
CA GLY A 46 8.89 -3.36 -4.27
C GLY A 46 8.27 -2.21 -3.50
N LEU A 47 7.12 -2.51 -2.89
CA LEU A 47 6.32 -1.51 -2.18
C LEU A 47 6.62 -1.57 -0.69
N GLU A 48 6.73 -0.39 -0.08
CA GLU A 48 7.01 -0.24 1.34
C GLU A 48 5.95 0.66 1.96
N TRP A 49 5.23 0.14 2.94
CA TRP A 49 4.22 0.93 3.64
C TRP A 49 4.87 1.87 4.66
N MET A 50 4.49 3.15 4.61
CA MET A 50 5.12 4.17 5.46
C MET A 50 4.28 4.50 6.67
N GLY A 51 2.97 4.59 6.52
CA GLY A 51 2.14 4.91 7.67
C GLY A 51 0.76 5.30 7.22
N TRP A 52 -0.09 5.58 8.23
CA TRP A 52 -1.51 5.87 8.04
C TRP A 52 -1.88 7.13 8.78
N SER A 53 -2.83 7.88 8.22
CA SER A 53 -3.43 9.02 8.91
C SER A 53 -4.95 8.99 8.81
N SER A 54 -5.60 9.47 9.87
CA SER A 54 -7.05 9.58 9.90
C SER A 54 -7.48 11.01 9.62
N PRO A 55 -8.19 11.31 8.53
CA PRO A 55 -8.79 12.66 8.42
C PRO A 55 -9.91 12.88 9.41
N TYR A 56 -10.41 11.81 10.02
CA TYR A 56 -11.54 11.92 10.93
C TYR A 56 -11.13 12.51 12.26
N ASN A 57 -10.07 11.96 12.83
CA ASN A 57 -9.63 12.37 14.13
C ASN A 57 -8.18 12.77 14.31
N GLY A 58 -7.42 12.74 13.26
CA GLY A 58 -6.04 13.17 13.27
C GLY A 58 -5.05 12.14 13.74
N ASN A 59 -5.50 10.98 14.15
CA ASN A 59 -4.60 9.96 14.59
C ASN A 59 -3.70 9.47 13.46
N THR A 60 -2.49 9.07 13.80
CA THR A 60 -1.53 8.57 12.82
C THR A 60 -0.80 7.36 13.38
N TYR A 61 -0.22 6.59 12.47
CA TYR A 61 0.69 5.51 12.85
C TYR A 61 1.79 5.44 11.80
N TYR A 62 3.03 5.50 12.24
CA TYR A 62 4.16 5.45 11.32
C TYR A 62 4.96 4.17 11.51
N ALA A 63 5.40 3.58 10.39
CA ALA A 63 6.34 2.47 10.47
C ALA A 63 7.55 2.86 11.31
N GLN A 64 8.00 1.95 12.15
CA GLN A 64 9.05 2.27 13.08
C GLN A 64 10.32 2.71 12.37
N LYS A 65 10.60 2.12 11.23
CA LYS A 65 11.78 2.46 10.44
C LYS A 65 11.87 3.96 10.15
N LEU A 66 10.72 4.62 9.99
CA LEU A 66 10.62 6.00 9.53
C LEU A 66 10.07 6.95 10.58
N LYS A 67 9.58 6.44 11.71
CA LYS A 67 8.77 7.24 12.62
C LYS A 67 9.48 8.53 13.01
N ALA A 68 10.75 8.47 13.31
CA ALA A 68 11.48 9.65 13.74
C ALA A 68 11.52 10.78 12.73
N ARG A 69 11.56 10.42 11.44
CA ARG A 69 11.68 11.42 10.37
C ARG A 69 10.44 11.73 9.54
N VAL A 70 9.28 11.20 9.89
CA VAL A 70 8.11 11.41 9.05
C VAL A 70 7.00 12.05 9.86
N THR A 71 6.18 12.87 9.19
CA THR A 71 4.99 13.46 9.79
C THR A 71 3.89 13.43 8.74
N MET A 72 2.71 12.95 9.11
CA MET A 72 1.56 12.93 8.21
C MET A 72 0.44 13.76 8.82
N THR A 73 -0.20 14.58 8.01
CA THR A 73 -1.30 15.42 8.47
C THR A 73 -2.36 15.48 7.38
N THR A 74 -3.56 15.91 7.76
CA THR A 74 -4.65 16.12 6.83
C THR A 74 -5.30 17.47 7.11
N ASP A 75 -5.81 18.10 6.05
CA ASP A 75 -6.55 19.35 6.13
C ASP A 75 -7.94 19.09 5.57
N THR A 76 -8.93 18.95 6.45
CA THR A 76 -10.27 18.60 6.00
C THR A 76 -11.00 19.76 5.37
N SER A 77 -10.49 20.99 5.47
CA SER A 77 -11.13 22.08 4.76
C SER A 77 -10.76 22.12 3.30
N THR A 78 -9.62 21.52 2.92
CA THR A 78 -9.17 21.50 1.53
C THR A 78 -9.06 20.09 0.98
N ASN A 79 -9.44 19.10 1.78
CA ASN A 79 -9.37 17.73 1.35
C ASN A 79 -7.99 17.34 0.89
N THR A 80 -7.00 17.78 1.63
CA THR A 80 -5.60 17.53 1.26
C THR A 80 -4.86 16.83 2.39
N ALA A 81 -4.12 15.79 2.03
CA ALA A 81 -3.22 15.10 2.94
C ALA A 81 -1.78 15.48 2.64
N TYR A 82 -0.95 15.47 3.69
CA TYR A 82 0.44 15.87 3.58
C TYR A 82 1.34 14.85 4.24
N MET A 83 2.52 14.67 3.67
CA MET A 83 3.54 13.79 4.23
C MET A 83 4.85 14.57 4.15
N GLU A 84 5.49 14.79 5.29
CA GLU A 84 6.84 15.35 5.33
C GLU A 84 7.85 14.28 5.72
N LEU A 85 8.92 14.16 4.93
CA LEU A 85 10.01 13.25 5.25
C LEU A 85 11.26 14.09 5.44
N ARG A 86 11.89 13.95 6.60
CA ARG A 86 13.02 14.77 6.99
C ARG A 86 14.32 13.95 6.93
N SER A 87 15.45 14.66 7.01
CA SER A 87 16.77 14.04 7.11
C SER A 87 16.99 13.03 5.98
N LEU A 88 16.73 13.47 4.78
CA LEU A 88 16.83 12.63 3.63
C LEU A 88 18.17 11.97 3.36
N ARG A 89 18.08 10.76 2.86
CA ARG A 89 19.24 9.99 2.49
C ARG A 89 19.03 9.40 1.13
N SER A 90 20.11 8.92 0.57
CA SER A 90 20.11 8.38 -0.76
C SER A 90 19.07 7.31 -0.96
N ASP A 91 18.93 6.44 0.01
CA ASP A 91 17.97 5.36 -0.15
C ASP A 91 16.52 5.81 -0.01
N ASP A 92 16.27 7.10 0.21
CA ASP A 92 14.91 7.62 0.16
C ASP A 92 14.44 7.94 -1.25
N THR A 93 15.29 7.84 -2.26
CA THR A 93 14.84 8.00 -3.63
C THR A 93 13.79 6.97 -3.96
N ALA A 94 12.63 7.43 -4.41
CA ALA A 94 11.49 6.54 -4.61
C ALA A 94 10.34 7.33 -5.21
N VAL A 95 9.39 6.61 -5.76
CA VAL A 95 8.06 7.16 -6.01
C VAL A 95 7.23 7.00 -4.74
N TYR A 96 6.67 8.11 -4.27
CA TYR A 96 5.85 8.13 -3.05
C TYR A 96 4.39 8.21 -3.49
N TYR A 97 3.58 7.27 -3.01
CA TYR A 97 2.16 7.23 -3.30
C TYR A 97 1.34 7.53 -2.06
N CYS A 98 0.27 8.30 -2.24
CA CYS A 98 -0.80 8.30 -1.27
C CYS A 98 -1.90 7.37 -1.75
N GLY A 99 -2.66 6.84 -0.80
CA GLY A 99 -3.77 5.97 -1.14
C GLY A 99 -4.90 6.14 -0.17
N ARG A 100 -6.09 5.81 -0.64
CA ARG A 100 -7.30 5.79 0.17
C ARG A 100 -7.48 4.41 0.78
N ASP A 101 -7.41 4.33 2.10
CA ASP A 101 -7.76 3.07 2.75
C ASP A 101 -9.24 2.78 2.50
N MET A 102 -9.55 1.56 2.09
CA MET A 102 -10.93 1.23 1.72
C MET A 102 -11.86 1.32 2.94
N LEU A 103 -13.16 1.38 2.65
CA LEU A 103 -14.13 1.49 3.73
C LEU A 103 -14.04 0.29 4.67
N GLY A 104 -14.02 0.56 5.97
CA GLY A 104 -13.83 -0.50 6.94
C GLY A 104 -14.89 -0.51 8.03
N VAL A 105 -14.67 -1.34 9.06
CA VAL A 105 -15.66 -1.53 10.12
C VAL A 105 -15.81 -0.28 10.98
N VAL A 106 -14.73 0.49 11.13
CA VAL A 106 -14.75 1.72 11.91
C VAL A 106 -14.19 2.83 11.03
N GLN A 107 -14.58 4.06 11.37
CA GLN A 107 -14.37 5.21 10.50
C GLN A 107 -12.89 5.46 10.23
N ALA A 108 -12.51 5.45 8.94
CA ALA A 108 -11.19 5.82 8.44
C ALA A 108 -10.10 4.86 8.87
N VAL A 109 -10.46 3.61 9.19
CA VAL A 109 -9.46 2.62 9.59
C VAL A 109 -8.53 2.28 8.43
N ALA A 110 -7.27 2.03 8.76
CA ALA A 110 -6.29 1.61 7.76
C ALA A 110 -6.68 0.27 7.16
N GLY A 111 -6.31 0.09 5.90
CA GLY A 111 -6.59 -1.16 5.20
C GLY A 111 -6.00 -1.15 3.81
N PRO A 112 -6.39 -2.11 2.97
CA PRO A 112 -5.96 -2.06 1.56
C PRO A 112 -6.41 -0.77 0.89
N PHE A 113 -5.68 -0.34 -0.11
CA PHE A 113 -6.01 0.84 -0.85
C PHE A 113 -6.92 0.55 -2.03
N ASP A 114 -8.09 1.18 -2.06
CA ASP A 114 -8.95 1.04 -3.23
C ASP A 114 -8.81 2.22 -4.18
N SER A 115 -7.94 3.19 -3.88
CA SER A 115 -7.62 4.25 -4.81
C SER A 115 -6.21 4.73 -4.51
N TRP A 116 -5.45 5.06 -5.55
CA TRP A 116 -4.06 5.50 -5.45
C TRP A 116 -3.88 6.84 -6.14
N GLY A 117 -3.05 7.71 -5.55
CA GLY A 117 -2.51 8.83 -6.28
C GLY A 117 -1.62 8.35 -7.39
N GLN A 118 -1.21 9.29 -8.24
CA GLN A 118 -0.37 8.93 -9.39
C GLN A 118 1.10 8.78 -9.01
N GLY A 119 1.46 9.15 -7.81
CA GLY A 119 2.82 9.03 -7.34
C GLY A 119 3.59 10.32 -7.52
N THR A 120 4.49 10.58 -6.58
CA THR A 120 5.46 11.68 -6.67
C THR A 120 6.86 11.08 -6.63
N LEU A 121 7.66 11.31 -7.69
CA LEU A 121 9.07 10.94 -7.63
C LEU A 121 9.86 11.94 -6.78
N VAL A 122 10.51 11.43 -5.74
CA VAL A 122 11.49 12.19 -4.97
C VAL A 122 12.86 11.59 -5.28
N THR A 123 13.74 12.41 -5.86
CA THR A 123 15.10 12.02 -6.18
C THR A 123 16.03 12.68 -5.18
N VAL A 124 16.79 11.89 -4.45
CA VAL A 124 17.81 12.40 -3.55
C VAL A 124 19.14 12.31 -4.28
N SER A 125 19.81 13.45 -4.46
CA SER A 125 20.97 13.53 -5.33
C SER A 125 22.10 12.64 -4.80
N SER A 126 22.92 12.12 -5.74
CA SER A 126 23.93 11.15 -5.36
C SER A 126 25.12 11.84 -4.71
N ALA A 127 25.62 11.22 -3.64
CA ALA A 127 26.79 11.72 -2.91
C ALA A 127 28.01 10.84 -3.09
N SER A 128 27.97 9.89 -4.03
CA SER A 128 29.12 9.05 -4.31
C SER A 128 28.88 8.30 -5.61
N GLY A 129 29.92 7.60 -6.07
CA GLY A 129 29.82 6.72 -7.22
C GLY A 129 29.66 7.45 -8.54
N GLY A 146 8.40 -3.96 10.03
CA GLY A 146 8.21 -5.17 9.26
C GLY A 146 8.03 -6.40 10.14
N ASP A 147 7.12 -6.33 11.09
CA ASP A 147 6.93 -7.41 12.05
C ASP A 147 6.36 -8.67 11.40
N THR A 148 5.66 -8.55 10.29
CA THR A 148 5.15 -9.70 9.55
C THR A 148 5.63 -9.75 8.12
N PRO A 149 6.82 -10.27 7.94
CA PRO A 149 7.37 -10.36 6.60
C PRO A 149 6.60 -11.35 5.75
N MET A 150 6.50 -11.00 4.49
CA MET A 150 5.76 -11.74 3.52
C MET A 150 6.64 -12.15 2.37
N THR A 151 6.43 -13.34 1.87
CA THR A 151 7.17 -13.85 0.73
C THR A 151 6.22 -14.26 -0.37
N GLN A 152 6.72 -14.28 -1.59
CA GLN A 152 5.93 -14.69 -2.75
C GLN A 152 6.72 -15.67 -3.59
N SER A 153 5.99 -16.59 -4.22
CA SER A 153 6.65 -17.57 -5.10
CA SER A 153 6.64 -17.56 -5.09
C SER A 153 5.72 -17.89 -6.27
N PRO A 154 6.26 -17.91 -7.48
CA PRO A 154 7.62 -17.59 -7.87
C PRO A 154 7.84 -16.08 -7.86
N SER A 155 9.09 -15.65 -7.98
CA SER A 155 9.38 -14.22 -8.13
C SER A 155 9.16 -13.76 -9.55
N SER A 156 9.32 -14.66 -10.51
CA SER A 156 9.10 -14.39 -11.90
C SER A 156 8.55 -15.64 -12.53
N VAL A 157 7.64 -15.48 -13.48
CA VAL A 157 7.09 -16.60 -14.23
C VAL A 157 6.68 -16.08 -15.59
N SER A 158 6.85 -16.93 -16.61
CA SER A 158 6.47 -16.53 -17.94
C SER A 158 5.27 -17.35 -18.37
N ALA A 159 4.41 -16.74 -19.16
CA ALA A 159 3.19 -17.41 -19.54
C ALA A 159 2.70 -16.87 -20.87
N SER A 160 1.77 -17.62 -21.44
CA SER A 160 1.14 -17.33 -22.71
C SER A 160 -0.32 -16.95 -22.45
N VAL A 161 -0.86 -16.13 -23.36
CA VAL A 161 -2.27 -15.78 -23.29
C VAL A 161 -3.10 -17.05 -23.28
N GLY A 162 -4.07 -17.13 -22.36
CA GLY A 162 -4.89 -18.32 -22.22
C GLY A 162 -4.44 -19.28 -21.14
N ASP A 163 -3.22 -19.15 -20.62
CA ASP A 163 -2.73 -20.02 -19.56
C ASP A 163 -3.38 -19.65 -18.24
N ARG A 164 -3.46 -20.63 -17.34
CA ARG A 164 -3.68 -20.33 -15.93
C ARG A 164 -2.36 -19.97 -15.28
N VAL A 165 -2.36 -18.88 -14.53
CA VAL A 165 -1.21 -18.42 -13.78
C VAL A 165 -1.58 -18.40 -12.30
N THR A 166 -0.80 -19.06 -11.48
CA THR A 166 -1.00 -19.13 -10.04
C THR A 166 0.23 -18.66 -9.28
N ILE A 167 0.01 -17.70 -8.39
CA ILE A 167 1.05 -17.09 -7.58
C ILE A 167 0.79 -17.39 -6.12
N SER A 168 1.83 -17.75 -5.38
CA SER A 168 1.73 -18.01 -3.95
C SER A 168 2.21 -16.83 -3.13
N CYS A 169 1.54 -16.64 -2.00
CA CYS A 169 1.95 -15.69 -0.98
C CYS A 169 2.03 -16.43 0.35
N ARG A 170 3.05 -16.13 1.15
CA ARG A 170 3.19 -16.74 2.47
C ARG A 170 3.43 -15.66 3.50
N ALA A 171 2.66 -15.71 4.58
CA ALA A 171 2.87 -14.82 5.70
C ALA A 171 3.69 -15.54 6.74
N SER A 172 4.67 -14.83 7.32
CA SER A 172 5.58 -15.46 8.25
C SER A 172 4.91 -15.73 9.58
N GLN A 173 3.80 -15.04 9.86
CA GLN A 173 2.95 -15.30 11.01
C GLN A 173 1.51 -15.34 10.51
N GLY A 174 0.64 -15.99 11.27
CA GLY A 174 -0.76 -16.05 10.84
C GLY A 174 -1.37 -14.67 10.70
N ILE A 175 -2.11 -14.42 9.61
CA ILE A 175 -2.78 -13.15 9.37
C ILE A 175 -4.27 -13.33 9.11
N SER A 176 -4.84 -14.48 9.49
CA SER A 176 -6.27 -14.75 9.29
C SER A 176 -6.57 -14.55 7.81
N ASN A 177 -7.56 -13.78 7.45
CA ASN A 177 -7.82 -13.51 6.05
C ASN A 177 -7.48 -12.08 5.63
N SER A 178 -6.60 -11.44 6.37
CA SER A 178 -6.32 -10.01 6.15
C SER A 178 -5.20 -9.87 5.11
N LEU A 179 -5.54 -10.23 3.88
CA LEU A 179 -4.58 -10.35 2.79
C LEU A 179 -5.19 -9.79 1.52
N ALA A 180 -4.47 -8.89 0.89
CA ALA A 180 -4.90 -8.23 -0.33
C ALA A 180 -3.90 -8.54 -1.44
N TRP A 181 -4.38 -8.47 -2.66
CA TRP A 181 -3.56 -8.61 -3.86
C TRP A 181 -3.72 -7.39 -4.76
N TYR A 182 -2.60 -6.95 -5.33
CA TYR A 182 -2.54 -5.83 -6.24
C TYR A 182 -1.83 -6.20 -7.54
N GLN A 183 -2.24 -5.52 -8.60
CA GLN A 183 -1.57 -5.57 -9.89
C GLN A 183 -0.86 -4.25 -10.13
N GLN A 184 0.38 -4.27 -10.64
CA GLN A 184 1.07 -3.05 -11.00
C GLN A 184 1.64 -3.19 -12.40
N LYS A 185 1.12 -2.39 -13.32
CA LYS A 185 1.67 -2.34 -14.66
C LYS A 185 2.80 -1.32 -14.75
N LEU A 186 3.65 -1.51 -15.74
CA LEU A 186 4.86 -0.72 -15.84
C LEU A 186 4.52 0.76 -15.86
N GLY A 187 5.08 1.51 -14.91
CA GLY A 187 4.91 2.94 -14.91
C GLY A 187 3.62 3.46 -14.31
N LYS A 188 2.83 2.61 -13.66
CA LYS A 188 1.55 3.01 -13.07
C LYS A 188 1.54 2.71 -11.58
N ALA A 189 0.60 3.33 -10.86
CA ALA A 189 0.32 2.92 -9.51
C ALA A 189 -0.31 1.53 -9.47
N PRO A 190 -0.17 0.80 -8.38
CA PRO A 190 -0.84 -0.50 -8.28
C PRO A 190 -2.34 -0.33 -8.21
N GLN A 191 -3.04 -1.42 -8.50
CA GLN A 191 -4.50 -1.49 -8.44
C GLN A 191 -4.92 -2.70 -7.63
N LEU A 192 -5.87 -2.50 -6.73
CA LEU A 192 -6.39 -3.58 -5.90
C LEU A 192 -7.20 -4.57 -6.72
N LEU A 193 -6.87 -5.87 -6.59
CA LEU A 193 -7.65 -6.95 -7.20
C LEU A 193 -8.55 -7.70 -6.22
N ILE A 194 -8.00 -8.06 -5.06
CA ILE A 194 -8.60 -8.96 -4.09
C ILE A 194 -8.32 -8.38 -2.72
N TYR A 195 -9.33 -8.39 -1.85
CA TYR A 195 -9.14 -8.05 -0.45
C TYR A 195 -9.80 -9.15 0.40
N ALA A 196 -9.44 -9.24 1.66
CA ALA A 196 -9.97 -10.25 2.55
C ALA A 196 -9.73 -11.64 1.99
N ALA A 197 -8.58 -11.80 1.37
CA ALA A 197 -8.11 -13.08 0.85
C ALA A 197 -8.80 -13.53 -0.42
N SER A 198 -10.12 -13.39 -0.47
CA SER A 198 -10.88 -13.97 -1.55
CA SER A 198 -10.90 -13.98 -1.53
C SER A 198 -11.98 -13.07 -2.11
N SER A 199 -12.15 -11.84 -1.62
CA SER A 199 -13.18 -10.95 -2.12
C SER A 199 -12.67 -10.17 -3.35
N LEU A 200 -13.39 -10.30 -4.45
CA LEU A 200 -13.00 -9.64 -5.69
C LEU A 200 -13.41 -8.18 -5.66
N GLN A 201 -12.47 -7.28 -5.90
CA GLN A 201 -12.75 -5.86 -5.89
C GLN A 201 -13.67 -5.49 -7.04
N SER A 202 -14.54 -4.51 -6.78
CA SER A 202 -15.45 -4.02 -7.81
C SER A 202 -14.68 -3.63 -9.07
N GLY A 203 -15.19 -4.06 -10.21
CA GLY A 203 -14.61 -3.71 -11.50
C GLY A 203 -13.48 -4.59 -11.96
N VAL A 204 -13.04 -5.54 -11.15
CA VAL A 204 -11.96 -6.46 -11.51
C VAL A 204 -12.58 -7.67 -12.22
N PRO A 205 -11.98 -8.16 -13.32
CA PRO A 205 -12.56 -9.31 -14.02
C PRO A 205 -12.56 -10.57 -13.17
N SER A 206 -13.57 -11.41 -13.41
CA SER A 206 -13.76 -12.61 -12.61
C SER A 206 -12.68 -13.67 -12.85
N ARG A 207 -11.83 -13.51 -13.85
CA ARG A 207 -10.74 -14.46 -14.02
C ARG A 207 -9.74 -14.39 -12.89
N PHE A 208 -9.75 -13.33 -12.09
CA PHE A 208 -8.89 -13.23 -10.92
C PHE A 208 -9.60 -13.83 -9.72
N SER A 209 -8.90 -14.69 -8.98
CA SER A 209 -9.51 -15.22 -7.75
C SER A 209 -8.43 -15.48 -6.72
N GLY A 210 -8.79 -15.27 -5.45
CA GLY A 210 -7.88 -15.44 -4.34
C GLY A 210 -8.39 -16.52 -3.41
N SER A 211 -7.46 -17.23 -2.79
CA SER A 211 -7.78 -18.29 -1.88
C SER A 211 -6.78 -18.29 -0.73
N GLY A 212 -7.19 -18.91 0.37
CA GLY A 212 -6.32 -19.14 1.51
C GLY A 212 -6.75 -18.39 2.75
N SER A 213 -6.16 -18.81 3.87
CA SER A 213 -6.35 -18.17 5.16
C SER A 213 -5.25 -18.67 6.07
N GLY A 214 -4.82 -17.84 7.00
CA GLY A 214 -3.75 -18.17 7.89
C GLY A 214 -2.40 -17.71 7.43
N THR A 215 -1.62 -18.61 6.85
CA THR A 215 -0.31 -18.22 6.34
C THR A 215 -0.13 -18.43 4.86
N ASP A 216 -0.90 -19.30 4.20
CA ASP A 216 -0.68 -19.61 2.80
C ASP A 216 -1.85 -19.14 1.94
N PHE A 217 -1.53 -18.37 0.90
CA PHE A 217 -2.49 -17.71 0.06
C PHE A 217 -2.11 -17.91 -1.40
N THR A 218 -3.11 -17.83 -2.28
CA THR A 218 -2.88 -17.90 -3.71
CA THR A 218 -2.91 -17.93 -3.70
C THR A 218 -3.70 -16.87 -4.46
N LEU A 219 -3.12 -16.36 -5.53
CA LEU A 219 -3.81 -15.60 -6.55
C LEU A 219 -3.74 -16.41 -7.83
N THR A 220 -4.88 -16.66 -8.47
CA THR A 220 -4.88 -17.36 -9.75
C THR A 220 -5.60 -16.52 -10.78
N ILE A 221 -5.09 -16.57 -12.02
CA ILE A 221 -5.72 -15.95 -13.17
C ILE A 221 -6.10 -17.10 -14.08
N SER A 222 -7.40 -17.36 -14.25
CA SER A 222 -7.81 -18.62 -14.87
C SER A 222 -7.38 -18.70 -16.33
N SER A 223 -7.44 -17.57 -17.05
CA SER A 223 -7.10 -17.54 -18.47
C SER A 223 -6.42 -16.20 -18.75
N LEU A 224 -5.10 -16.21 -18.81
CA LEU A 224 -4.34 -14.97 -18.86
C LEU A 224 -4.66 -14.19 -20.14
N GLN A 225 -4.89 -12.90 -19.98
CA GLN A 225 -5.15 -12.01 -21.09
C GLN A 225 -3.97 -11.08 -21.34
N PRO A 226 -3.87 -10.51 -22.53
CA PRO A 226 -2.72 -9.62 -22.83
C PRO A 226 -2.53 -8.51 -21.82
N GLU A 227 -3.62 -7.97 -21.27
CA GLU A 227 -3.52 -6.90 -20.29
C GLU A 227 -3.02 -7.36 -18.93
N ASP A 228 -2.80 -8.66 -18.73
CA ASP A 228 -2.50 -9.18 -17.41
C ASP A 228 -1.01 -9.33 -17.16
N PHE A 229 -0.16 -9.08 -18.14
CA PHE A 229 1.27 -9.12 -17.87
C PHE A 229 1.64 -7.90 -17.04
N ALA A 230 2.18 -8.14 -15.84
CA ALA A 230 2.30 -7.13 -14.81
C ALA A 230 3.05 -7.72 -13.64
N THR A 231 3.30 -6.92 -12.60
CA THR A 231 3.82 -7.41 -11.34
C THR A 231 2.68 -7.46 -10.34
N TYR A 232 2.62 -8.52 -9.55
CA TYR A 232 1.56 -8.76 -8.58
C TYR A 232 2.16 -8.77 -7.19
N TYR A 233 1.50 -8.10 -6.27
CA TYR A 233 1.95 -7.99 -4.89
C TYR A 233 0.84 -8.43 -3.96
N CYS A 234 1.22 -9.14 -2.92
CA CYS A 234 0.35 -9.36 -1.80
C CYS A 234 0.64 -8.39 -0.67
N GLN A 235 -0.33 -8.20 0.21
CA GLN A 235 -0.16 -7.25 1.30
C GLN A 235 -0.95 -7.74 2.51
N GLN A 236 -0.31 -7.88 3.67
CA GLN A 236 -1.03 -8.21 4.89
C GLN A 236 -1.43 -6.92 5.59
N THR A 237 -2.66 -6.91 6.13
CA THR A 237 -3.19 -5.77 6.87
C THR A 237 -3.75 -6.21 8.22
N ASN A 238 -3.26 -7.33 8.72
CA ASN A 238 -3.67 -7.81 10.01
C ASN A 238 -3.22 -6.98 11.20
N THR A 239 -1.98 -6.57 11.15
CA THR A 239 -1.39 -5.71 12.17
C THR A 239 -0.51 -4.68 11.50
N PHE A 240 -0.27 -3.56 12.17
CA PHE A 240 0.72 -2.58 11.76
C PHE A 240 2.10 -3.08 12.11
N PRO A 241 3.13 -2.74 11.35
CA PRO A 241 3.06 -2.06 10.06
C PRO A 241 2.53 -2.98 8.99
N PHE A 242 1.72 -2.46 8.08
CA PHE A 242 1.33 -3.27 6.94
C PHE A 242 2.58 -3.59 6.13
N THR A 243 2.58 -4.76 5.52
CA THR A 243 3.76 -5.23 4.78
C THR A 243 3.34 -5.90 3.48
N PHE A 244 4.15 -5.66 2.46
CA PHE A 244 3.94 -6.22 1.13
C PHE A 244 4.92 -7.36 0.89
N GLY A 245 4.46 -8.33 0.11
CA GLY A 245 5.36 -9.30 -0.45
C GLY A 245 6.26 -8.65 -1.48
N PRO A 246 7.33 -9.33 -1.91
CA PRO A 246 8.33 -8.69 -2.77
C PRO A 246 7.94 -8.57 -4.23
N GLY A 247 6.82 -9.14 -4.62
CA GLY A 247 6.31 -9.03 -5.96
C GLY A 247 6.60 -10.27 -6.80
N THR A 248 5.69 -10.56 -7.72
CA THR A 248 5.87 -11.60 -8.74
C THR A 248 5.63 -10.98 -10.10
N LYS A 249 6.65 -11.03 -10.95
CA LYS A 249 6.52 -10.52 -12.31
C LYS A 249 5.99 -11.63 -13.22
N VAL A 250 4.88 -11.37 -13.89
CA VAL A 250 4.34 -12.28 -14.90
C VAL A 250 4.71 -11.71 -16.27
N GLU A 251 5.58 -12.43 -16.98
CA GLU A 251 6.24 -11.98 -18.19
C GLU A 251 5.74 -12.77 -19.38
N VAL A 252 5.89 -12.18 -20.57
CA VAL A 252 5.56 -12.90 -21.80
C VAL A 252 6.65 -13.94 -22.07
N ARG A 253 6.23 -15.10 -22.54
CA ARG A 253 7.20 -16.16 -22.85
C ARG A 253 8.13 -15.71 -23.97
N ARG A 254 9.43 -15.98 -23.80
CA ARG A 254 10.43 -15.63 -24.80
C ARG A 254 10.46 -16.68 -25.92
N ASN B 2 -16.40 6.22 29.33
CA ASN B 2 -14.99 5.87 29.17
C ASN B 2 -14.62 5.81 27.68
N PHE B 3 -13.31 5.82 27.41
CA PHE B 3 -12.80 5.83 26.05
C PHE B 3 -11.56 4.95 25.97
N VAL B 4 -11.17 4.63 24.74
CA VAL B 4 -9.96 3.84 24.49
C VAL B 4 -8.80 4.81 24.30
N PRO B 5 -7.76 4.76 25.14
CA PRO B 5 -6.64 5.70 24.99
C PRO B 5 -5.63 5.19 23.97
N CYS B 6 -5.09 6.09 23.16
CA CYS B 6 -4.20 5.61 22.09
C CYS B 6 -2.92 5.00 22.63
N SER B 7 -2.54 5.32 23.86
CA SER B 7 -1.31 4.80 24.45
C SER B 7 -1.27 3.28 24.53
N ILE B 8 -2.42 2.59 24.49
CA ILE B 8 -2.42 1.13 24.60
C ILE B 8 -2.67 0.43 23.26
N CYS B 9 -2.77 1.17 22.17
CA CYS B 9 -3.22 0.54 20.92
C CYS B 9 -2.19 -0.38 20.26
N SER B 10 -0.94 -0.34 20.67
CA SER B 10 0.06 -1.35 20.19
C SER B 10 0.07 -1.32 18.66
N ASN B 11 -0.08 -2.46 18.03
CA ASN B 11 -0.05 -2.57 16.58
C ASN B 11 -1.43 -2.80 15.95
N ASN B 12 -2.48 -2.43 16.66
CA ASN B 12 -3.83 -2.77 16.24
C ASN B 12 -4.50 -1.64 15.46
N PRO B 13 -4.74 -1.83 14.17
CA PRO B 13 -5.30 -0.73 13.38
C PRO B 13 -6.69 -0.29 13.81
N THR B 14 -7.56 -1.22 14.26
CA THR B 14 -8.89 -0.83 14.65
C THR B 14 -8.84 0.08 15.86
N CYS B 15 -8.04 -0.31 16.86
CA CYS B 15 -7.82 0.52 18.04
C CYS B 15 -7.34 1.92 17.63
N TRP B 16 -6.31 2.00 16.77
CA TRP B 16 -5.77 3.28 16.36
C TRP B 16 -6.79 4.14 15.66
N ALA B 17 -7.77 3.53 15.00
CA ALA B 17 -8.78 4.34 14.32
C ALA B 17 -9.76 5.00 15.27
N ILE B 18 -10.01 4.41 16.44
CA ILE B 18 -11.08 4.89 17.32
C ILE B 18 -10.56 5.47 18.63
N CYS B 19 -9.25 5.44 18.87
CA CYS B 19 -8.75 5.81 20.18
C CYS B 19 -8.65 7.33 20.30
N LYS B 20 -8.59 7.80 21.54
CA LYS B 20 -8.40 9.21 21.83
C LYS B 20 -6.96 9.44 22.27
N ARG B 21 -6.35 10.45 21.71
CA ARG B 21 -4.99 10.81 22.04
C ARG B 21 -4.90 11.68 23.27
N ILE B 22 -3.80 11.58 23.99
CA ILE B 22 -3.63 12.37 25.20
C ILE B 22 -2.17 12.79 25.32
#